data_8EA1
#
_entry.id   8EA1
#
_cell.length_a   102.844
_cell.length_b   102.844
_cell.length_c   70.280
_cell.angle_alpha   90.000
_cell.angle_beta   90.000
_cell.angle_gamma   120.000
#
_symmetry.space_group_name_H-M   'P 31 2 1'
#
loop_
_entity.id
_entity.type
_entity.pdbx_description
1 polymer '2-hydroxyisoflavanone dehydratase'
2 non-polymer P-NITROPHENOL
3 water water
#
_entity_poly.entity_id   1
_entity_poly.type   'polypeptide(L)'
_entity_poly.pdbx_seq_one_letter_code
;MSYYHHHHHHLESTSLYKKAGSAAAPFTMANENSNKEIVKEVLPLIRVYKDGTVERLLSSPNVAASPEDPETGVSSKDIV
IAHNPYVSARIFLPNINKSHNKLPIFVYFHGGAFCVESAFSFFVHRYLNILASQANIIAVSVDFRLLPHHPLPAAYEDGW
TTLQWIASHANNTATNPEPWLLNHADFNKLYVGGETSGANLAHNLLLRAGNGNQSLPGDLKILGGLLCCPFFWGSKPIGS
EPVDEHEQSLAMKVWNLACPDAPGGIDNPWINPCVAGAPSLATLGCSKLLVTITGRDEFRDRDILYHDTVKKSGWEGQLE
LFDAGDEEHAFQLFKPETDTAKAMIKRLASFLV
;
_entity_poly.pdbx_strand_id   A
#
loop_
_chem_comp.id
_chem_comp.type
_chem_comp.name
_chem_comp.formula
NPO non-polymer P-NITROPHENOL 'C6 H5 N O3'
#
# COMPACT_ATOMS: atom_id res chain seq x y z
N GLU A 37 -19.51 -23.51 12.53
CA GLU A 37 -19.70 -23.88 11.12
C GLU A 37 -18.87 -23.01 10.18
N ILE A 38 -17.93 -23.65 9.49
CA ILE A 38 -16.95 -22.96 8.66
C ILE A 38 -17.41 -22.81 7.20
N VAL A 39 -17.46 -21.58 6.72
CA VAL A 39 -17.91 -21.31 5.36
C VAL A 39 -16.73 -21.05 4.43
N LYS A 40 -15.66 -20.49 4.98
CA LYS A 40 -14.52 -20.11 4.16
C LYS A 40 -13.23 -20.21 4.96
N GLU A 41 -12.17 -20.57 4.27
CA GLU A 41 -10.90 -20.88 4.91
C GLU A 41 -9.79 -20.72 3.88
N VAL A 42 -8.84 -19.85 4.18
CA VAL A 42 -7.61 -19.71 3.42
C VAL A 42 -6.47 -19.75 4.44
N LEU A 43 -6.07 -20.97 4.80
CA LEU A 43 -5.04 -21.19 5.81
C LEU A 43 -3.70 -20.82 5.20
N PRO A 44 -2.79 -20.22 5.99
CA PRO A 44 -2.91 -19.91 7.42
C PRO A 44 -3.47 -18.52 7.68
N LEU A 45 -3.92 -17.83 6.65
CA LEU A 45 -4.38 -16.45 6.81
C LEU A 45 -5.71 -16.28 7.56
N ILE A 46 -6.73 -17.05 7.19
CA ILE A 46 -8.08 -16.73 7.67
C ILE A 46 -9.08 -17.89 7.67
N ARG A 47 -9.96 -17.88 8.67
CA ARG A 47 -11.08 -18.80 8.75
C ARG A 47 -12.35 -17.98 9.01
N VAL A 48 -13.41 -18.28 8.27
CA VAL A 48 -14.65 -17.55 8.40
C VAL A 48 -15.79 -18.49 8.80
N TYR A 49 -16.52 -18.12 9.84
CA TYR A 49 -17.63 -18.96 10.31
C TYR A 49 -18.98 -18.48 9.79
N LYS A 50 -19.99 -19.35 9.89
CA LYS A 50 -21.37 -19.05 9.50
C LYS A 50 -21.88 -17.70 10.03
N ASP A 51 -21.62 -17.42 11.31
CA ASP A 51 -22.16 -16.24 11.97
C ASP A 51 -21.33 -14.97 11.76
N GLY A 52 -20.37 -15.05 10.84
CA GLY A 52 -19.56 -13.89 10.49
C GLY A 52 -18.45 -13.60 11.48
N THR A 53 -18.20 -14.54 12.39
CA THR A 53 -17.02 -14.42 13.25
C THR A 53 -15.82 -14.97 12.47
N VAL A 54 -14.68 -14.31 12.64
CA VAL A 54 -13.51 -14.62 11.85
C VAL A 54 -12.30 -14.87 12.74
N GLU A 55 -11.52 -15.90 12.43
CA GLU A 55 -10.16 -15.99 12.97
C GLU A 55 -9.18 -15.52 11.91
N ARG A 56 -8.32 -14.58 12.29
CA ARG A 56 -7.33 -14.01 11.39
C ARG A 56 -5.92 -14.31 11.90
N LEU A 57 -5.01 -14.57 10.98
CA LEU A 57 -3.60 -14.58 11.32
C LEU A 57 -3.26 -13.20 11.95
N LEU A 58 -2.53 -13.22 13.06
CA LEU A 58 -2.18 -11.98 13.78
C LEU A 58 -0.69 -11.99 14.05
N SER A 59 0.07 -11.22 13.28
CA SER A 59 1.52 -11.23 13.38
C SER A 59 2.03 -10.27 14.46
N SER A 60 1.24 -9.23 14.76
CA SER A 60 1.50 -8.36 15.90
C SER A 60 0.18 -7.71 16.33
N PRO A 61 0.00 -7.49 17.63
CA PRO A 61 -1.24 -6.82 18.06
C PRO A 61 -1.20 -5.33 17.71
N ASN A 62 -2.36 -4.67 17.71
CA ASN A 62 -2.43 -3.21 17.51
C ASN A 62 -1.81 -2.49 18.70
N VAL A 63 -1.18 -1.33 18.48
CA VAL A 63 -0.74 -0.51 19.60
C VAL A 63 -1.38 0.87 19.55
N ALA A 64 -1.37 1.58 20.67
CA ALA A 64 -1.93 2.93 20.77
C ALA A 64 -1.09 3.94 19.98
N ALA A 65 -1.74 4.97 19.44
CA ALA A 65 -1.01 6.11 18.88
C ALA A 65 -0.17 6.76 19.99
N SER A 66 0.89 7.49 19.63
CA SER A 66 1.78 8.13 20.62
C SER A 66 1.92 9.66 20.47
N PRO A 67 1.82 10.39 21.59
CA PRO A 67 2.05 11.84 21.50
C PRO A 67 3.48 12.14 21.09
N GLU A 68 4.38 11.20 21.37
CA GLU A 68 5.79 11.31 20.98
C GLU A 68 6.48 9.97 21.19
N ASP A 69 6.75 9.26 20.11
CA ASP A 69 7.41 7.96 20.19
C ASP A 69 8.83 8.14 20.75
N PRO A 70 9.18 7.41 21.81
CA PRO A 70 10.48 7.68 22.45
C PRO A 70 11.70 7.51 21.54
N GLU A 71 11.74 6.47 20.70
CA GLU A 71 12.93 6.18 19.90
C GLU A 71 13.12 7.17 18.74
N THR A 72 12.01 7.59 18.13
CA THR A 72 12.06 8.37 16.88
C THR A 72 11.62 9.82 16.98
N GLY A 73 10.85 10.14 18.02
CA GLY A 73 10.31 11.48 18.18
C GLY A 73 9.03 11.72 17.37
N VAL A 74 8.54 10.70 16.69
CA VAL A 74 7.34 10.85 15.86
C VAL A 74 6.04 10.88 16.65
N SER A 75 5.19 11.87 16.38
CA SER A 75 3.84 11.89 16.96
C SER A 75 2.86 11.22 16.03
N SER A 76 1.87 10.55 16.61
CA SER A 76 0.87 9.86 15.84
C SER A 76 -0.49 10.06 16.48
N LYS A 77 -1.53 10.08 15.67
CA LYS A 77 -2.90 10.05 16.16
C LYS A 77 -3.81 9.29 15.24
N ASP A 78 -4.92 8.83 15.79
CA ASP A 78 -5.87 8.01 15.05
C ASP A 78 -7.07 8.86 14.66
N ILE A 79 -7.43 8.83 13.39
CA ILE A 79 -8.47 9.71 12.87
C ILE A 79 -9.47 8.96 12.02
N VAL A 80 -10.63 9.57 11.77
CA VAL A 80 -11.63 9.02 10.90
C VAL A 80 -11.63 9.73 9.55
N ILE A 81 -11.30 8.98 8.50
CA ILE A 81 -11.33 9.50 7.14
C ILE A 81 -12.77 9.57 6.61
N ALA A 82 -13.55 8.51 6.84
CA ALA A 82 -14.97 8.48 6.44
C ALA A 82 -15.72 7.59 7.40
N HIS A 83 -16.93 7.98 7.76
CA HIS A 83 -17.73 7.24 8.73
C HIS A 83 -18.41 6.01 8.15
N ASN A 84 -18.76 6.10 6.86
CA ASN A 84 -19.62 5.10 6.25
C ASN A 84 -19.52 5.18 4.73
N PRO A 85 -18.89 4.18 4.09
CA PRO A 85 -18.23 3.02 4.70
C PRO A 85 -17.09 3.46 5.62
N TYR A 86 -16.97 2.82 6.79
CA TYR A 86 -16.01 3.29 7.81
C TYR A 86 -14.56 3.07 7.35
N VAL A 87 -13.80 4.16 7.31
CA VAL A 87 -12.39 4.12 6.98
C VAL A 87 -11.64 4.98 7.98
N SER A 88 -10.74 4.39 8.76
CA SER A 88 -9.94 5.16 9.70
C SER A 88 -8.46 5.09 9.33
N ALA A 89 -7.60 5.76 10.10
CA ALA A 89 -6.18 5.85 9.77
C ALA A 89 -5.33 6.29 10.94
N ARG A 90 -4.03 5.99 10.87
CA ARG A 90 -3.08 6.61 11.80
C ARG A 90 -2.18 7.53 11.02
N ILE A 91 -2.12 8.78 11.48
CA ILE A 91 -1.24 9.76 10.86
C ILE A 91 -0.01 9.97 11.75
N PHE A 92 1.15 10.05 11.10
CA PHE A 92 2.43 10.17 11.77
C PHE A 92 3.07 11.50 11.38
N LEU A 93 3.46 12.27 12.40
CA LEU A 93 4.13 13.54 12.20
C LEU A 93 5.49 13.52 12.89
N PRO A 94 6.57 13.60 12.10
CA PRO A 94 7.91 13.55 12.67
C PRO A 94 8.21 14.82 13.46
N ASN A 95 9.24 14.77 14.30
CA ASN A 95 9.68 15.94 15.05
C ASN A 95 9.86 17.17 14.16
N ILE A 96 9.12 18.24 14.46
CA ILE A 96 9.25 19.50 13.74
C ILE A 96 10.38 20.37 14.35
N ASN A 97 11.63 20.11 13.98
CA ASN A 97 12.75 20.90 14.51
C ASN A 97 12.96 22.22 13.74
N LYS A 98 12.52 22.23 12.48
CA LYS A 98 12.52 23.42 11.63
C LYS A 98 11.18 23.42 10.88
N SER A 99 10.68 24.59 10.49
CA SER A 99 9.39 24.61 9.81
C SER A 99 9.41 25.59 8.64
N HIS A 100 10.54 25.68 7.96
CA HIS A 100 10.66 26.52 6.77
C HIS A 100 9.82 25.94 5.66
N ASN A 101 9.90 24.62 5.52
CA ASN A 101 9.22 23.93 4.45
C ASN A 101 8.28 22.88 4.99
N LYS A 102 7.16 22.70 4.29
CA LYS A 102 6.21 21.65 4.62
C LYS A 102 6.73 20.31 4.13
N LEU A 103 6.04 19.23 4.52
CA LEU A 103 6.56 17.87 4.38
C LEU A 103 5.75 17.04 3.39
N PRO A 104 6.44 16.13 2.68
CA PRO A 104 5.76 15.22 1.76
C PRO A 104 4.80 14.33 2.52
N ILE A 105 3.71 13.92 1.88
CA ILE A 105 2.75 13.03 2.49
C ILE A 105 2.89 11.63 1.90
N PHE A 106 2.97 10.63 2.76
CA PHE A 106 3.04 9.26 2.28
C PHE A 106 1.84 8.45 2.78
N VAL A 107 0.94 8.12 1.85
CA VAL A 107 -0.22 7.31 2.18
C VAL A 107 0.17 5.84 2.05
N TYR A 108 0.23 5.14 3.18
CA TYR A 108 0.69 3.75 3.21
C TYR A 108 -0.45 2.75 3.39
N PHE A 109 -0.43 1.69 2.58
CA PHE A 109 -1.42 0.63 2.71
C PHE A 109 -0.72 -0.67 3.13
N HIS A 110 -1.06 -1.16 4.32
CA HIS A 110 -0.43 -2.35 4.89
C HIS A 110 -0.67 -3.60 4.02
N GLY A 111 0.20 -4.60 4.16
CA GLY A 111 0.01 -5.88 3.48
C GLY A 111 -1.07 -6.72 4.14
N GLY A 112 -1.03 -8.03 3.93
CA GLY A 112 -1.99 -8.91 4.58
C GLY A 112 -3.06 -9.49 3.65
N ALA A 113 -2.78 -9.49 2.34
CA ALA A 113 -3.60 -10.21 1.37
C ALA A 113 -5.10 -9.83 1.39
N PHE A 114 -5.39 -8.56 1.63
CA PHE A 114 -6.76 -8.03 1.63
C PHE A 114 -7.65 -8.59 2.74
N CYS A 115 -7.11 -9.44 3.61
CA CYS A 115 -7.97 -10.10 4.60
C CYS A 115 -7.40 -10.10 6.02
N VAL A 116 -6.12 -9.80 6.15
CA VAL A 116 -5.52 -9.64 7.49
C VAL A 116 -4.67 -8.38 7.64
N GLU A 117 -4.04 -8.27 8.81
CA GLU A 117 -3.23 -7.13 9.20
C GLU A 117 -4.06 -5.87 9.40
N SER A 118 -3.39 -4.79 9.78
CA SER A 118 -4.09 -3.63 10.30
C SER A 118 -3.24 -2.39 10.11
N ALA A 119 -3.87 -1.23 10.07
CA ALA A 119 -3.12 0.02 9.94
C ALA A 119 -2.43 0.39 11.26
N PHE A 120 -2.78 -0.29 12.34
CA PHE A 120 -2.40 0.15 13.67
C PHE A 120 -1.50 -0.82 14.41
N SER A 121 -0.95 -1.80 13.70
CA SER A 121 -0.21 -2.87 14.37
C SER A 121 1.16 -2.40 14.85
N PHE A 122 1.68 -3.11 15.85
CA PHE A 122 3.02 -2.88 16.37
C PHE A 122 4.03 -2.76 15.23
N PHE A 123 3.99 -3.69 14.28
CA PHE A 123 4.92 -3.62 13.15
C PHE A 123 4.75 -2.36 12.29
N VAL A 124 3.53 -2.07 11.85
CA VAL A 124 3.31 -0.91 10.98
C VAL A 124 3.63 0.41 11.72
N HIS A 125 3.20 0.51 12.97
CA HIS A 125 3.46 1.68 13.82
C HIS A 125 4.95 1.95 13.91
N ARG A 126 5.70 0.92 14.29
CA ARG A 126 7.13 1.05 14.48
C ARG A 126 7.84 1.35 13.14
N TYR A 127 7.39 0.69 12.07
CA TYR A 127 7.97 0.93 10.75
C TYR A 127 7.73 2.37 10.27
N LEU A 128 6.51 2.85 10.41
CA LEU A 128 6.22 4.19 9.92
C LEU A 128 6.86 5.27 10.81
N ASN A 129 7.02 4.99 12.10
CA ASN A 129 7.77 5.91 12.97
C ASN A 129 9.18 6.07 12.43
N ILE A 130 9.79 4.96 12.04
CA ILE A 130 11.15 5.01 11.50
C ILE A 130 11.16 5.76 10.15
N LEU A 131 10.23 5.44 9.28
CA LEU A 131 10.21 6.04 7.95
C LEU A 131 9.96 7.55 8.04
N ALA A 132 8.96 7.93 8.82
CA ALA A 132 8.60 9.32 8.97
C ALA A 132 9.76 10.13 9.54
N SER A 133 10.47 9.55 10.50
CA SER A 133 11.62 10.25 11.07
C SER A 133 12.84 10.23 10.16
N GLN A 134 13.16 9.08 9.57
CA GLN A 134 14.33 9.00 8.71
C GLN A 134 14.15 9.82 7.44
N ALA A 135 12.96 9.78 6.85
CA ALA A 135 12.73 10.51 5.60
C ALA A 135 12.20 11.91 5.80
N ASN A 136 11.71 12.20 7.02
CA ASN A 136 11.16 13.51 7.35
C ASN A 136 9.91 13.78 6.52
N ILE A 137 8.92 12.90 6.68
CA ILE A 137 7.67 13.01 5.94
C ILE A 137 6.52 12.71 6.86
N ILE A 138 5.34 13.16 6.49
CA ILE A 138 4.13 12.76 7.18
C ILE A 138 3.67 11.42 6.61
N ALA A 139 3.38 10.45 7.46
CA ALA A 139 2.82 9.19 6.97
C ALA A 139 1.33 9.06 7.34
N VAL A 140 0.56 8.44 6.45
CA VAL A 140 -0.85 8.16 6.73
C VAL A 140 -1.08 6.68 6.50
N SER A 141 -1.30 5.94 7.57
CA SER A 141 -1.51 4.50 7.46
C SER A 141 -3.02 4.21 7.38
N VAL A 142 -3.47 3.66 6.27
CA VAL A 142 -4.89 3.53 6.05
C VAL A 142 -5.43 2.18 6.52
N ASP A 143 -6.47 2.23 7.34
CA ASP A 143 -7.16 1.02 7.74
C ASP A 143 -8.33 0.78 6.77
N PHE A 144 -8.03 0.17 5.64
CA PHE A 144 -9.04 -0.09 4.61
C PHE A 144 -9.85 -1.34 4.96
N ARG A 145 -11.04 -1.48 4.38
CA ARG A 145 -11.90 -2.63 4.72
C ARG A 145 -11.31 -3.93 4.20
N LEU A 146 -11.65 -5.02 4.88
CA LEU A 146 -11.04 -6.32 4.61
C LEU A 146 -12.07 -7.38 4.28
N LEU A 147 -11.61 -8.45 3.63
CA LEU A 147 -12.40 -9.66 3.52
C LEU A 147 -12.49 -10.19 4.95
N PRO A 148 -13.52 -10.97 5.26
CA PRO A 148 -14.55 -11.54 4.36
C PRO A 148 -15.73 -10.62 4.07
N HIS A 149 -15.93 -9.56 4.83
CA HIS A 149 -17.18 -8.80 4.69
C HIS A 149 -17.18 -7.77 3.56
N HIS A 150 -15.99 -7.36 3.12
CA HIS A 150 -15.89 -6.34 2.08
C HIS A 150 -14.96 -6.78 0.93
N PRO A 151 -15.50 -7.51 -0.06
CA PRO A 151 -14.78 -7.94 -1.26
C PRO A 151 -14.23 -6.74 -2.04
N LEU A 152 -13.14 -6.94 -2.79
CA LEU A 152 -12.71 -5.92 -3.73
C LEU A 152 -13.87 -5.63 -4.67
N PRO A 153 -13.98 -4.39 -5.18
CA PRO A 153 -13.04 -3.28 -4.99
C PRO A 153 -13.22 -2.41 -3.73
N ALA A 154 -13.85 -2.91 -2.67
CA ALA A 154 -13.97 -2.13 -1.43
C ALA A 154 -12.66 -1.45 -0.97
N ALA A 155 -11.59 -2.23 -0.84
CA ALA A 155 -10.29 -1.69 -0.40
C ALA A 155 -9.78 -0.60 -1.33
N TYR A 156 -9.97 -0.82 -2.63
CA TYR A 156 -9.55 0.13 -3.65
C TYR A 156 -10.30 1.45 -3.44
N GLU A 157 -11.62 1.35 -3.23
CA GLU A 157 -12.46 2.53 -3.00
C GLU A 157 -12.00 3.28 -1.76
N ASP A 158 -11.73 2.54 -0.68
CA ASP A 158 -11.27 3.17 0.55
C ASP A 158 -9.98 3.95 0.33
N GLY A 159 -9.11 3.43 -0.54
CA GLY A 159 -7.88 4.13 -0.88
C GLY A 159 -8.19 5.43 -1.62
N TRP A 160 -9.16 5.37 -2.54
CA TRP A 160 -9.54 6.53 -3.30
C TRP A 160 -10.21 7.55 -2.37
N THR A 161 -11.03 7.07 -1.45
CA THR A 161 -11.66 7.95 -0.45
C THR A 161 -10.59 8.71 0.34
N THR A 162 -9.51 8.02 0.67
CA THR A 162 -8.42 8.63 1.42
C THR A 162 -7.79 9.76 0.62
N LEU A 163 -7.52 9.52 -0.64
CA LEU A 163 -6.88 10.53 -1.49
C LEU A 163 -7.79 11.76 -1.70
N GLN A 164 -9.08 11.53 -1.91
CA GLN A 164 -10.02 12.66 -2.01
C GLN A 164 -9.97 13.47 -0.71
N TRP A 165 -10.00 12.76 0.41
CA TRP A 165 -9.99 13.39 1.72
C TRP A 165 -8.76 14.27 1.88
N ILE A 166 -7.60 13.74 1.51
CA ILE A 166 -6.35 14.51 1.49
C ILE A 166 -6.41 15.74 0.56
N ALA A 167 -6.87 15.56 -0.66
CA ALA A 167 -6.94 16.67 -1.61
C ALA A 167 -7.91 17.75 -1.17
N SER A 168 -8.96 17.36 -0.45
CA SER A 168 -9.94 18.34 0.06
C SER A 168 -9.29 19.31 1.06
N HIS A 169 -8.20 18.89 1.70
CA HIS A 169 -7.41 19.80 2.53
C HIS A 169 -6.68 20.86 1.69
N ALA A 170 -6.17 20.44 0.54
CA ALA A 170 -5.38 21.34 -0.32
C ALA A 170 -6.19 22.49 -0.91
N ASN A 171 -7.45 22.24 -1.27
CA ASN A 171 -8.29 23.30 -1.83
C ASN A 171 -9.36 23.82 -0.87
N ASN A 172 -9.17 23.56 0.43
CA ASN A 172 -10.09 24.06 1.45
C ASN A 172 -11.56 23.64 1.24
N THR A 173 -11.77 22.36 0.92
CA THR A 173 -13.12 21.81 0.85
C THR A 173 -13.35 20.74 1.93
N ALA A 174 -12.36 20.51 2.80
CA ALA A 174 -12.52 19.52 3.86
C ALA A 174 -13.46 20.06 4.95
N THR A 175 -14.29 19.19 5.50
CA THR A 175 -15.30 19.59 6.49
C THR A 175 -14.77 19.58 7.92
N ASN A 176 -14.09 18.49 8.29
CA ASN A 176 -13.40 18.42 9.57
C ASN A 176 -11.92 18.18 9.36
N PRO A 177 -11.21 19.20 8.86
CA PRO A 177 -9.82 19.00 8.41
C PRO A 177 -8.86 18.59 9.54
N GLU A 178 -7.94 17.70 9.21
CA GLU A 178 -6.85 17.32 10.09
C GLU A 178 -5.80 18.45 10.13
N PRO A 179 -5.65 19.10 11.29
CA PRO A 179 -4.77 20.27 11.35
C PRO A 179 -3.31 19.99 10.98
N TRP A 180 -2.84 18.78 11.24
CA TRP A 180 -1.47 18.41 10.87
C TRP A 180 -1.26 18.56 9.37
N LEU A 181 -2.29 18.21 8.59
CA LEU A 181 -2.22 18.34 7.13
C LEU A 181 -2.20 19.80 6.73
N LEU A 182 -3.08 20.61 7.32
CA LEU A 182 -3.13 22.03 6.99
C LEU A 182 -1.84 22.75 7.40
N ASN A 183 -1.23 22.30 8.50
CA ASN A 183 -0.09 23.04 9.05
C ASN A 183 1.28 22.59 8.53
N HIS A 184 1.40 21.30 8.21
CA HIS A 184 2.71 20.72 7.95
C HIS A 184 2.87 19.99 6.61
N ALA A 185 1.76 19.78 5.90
CA ALA A 185 1.80 18.94 4.70
C ALA A 185 2.06 19.75 3.43
N ASP A 186 2.97 19.27 2.60
CA ASP A 186 3.15 19.80 1.25
C ASP A 186 2.33 18.94 0.30
N PHE A 187 1.22 19.49 -0.17
CA PHE A 187 0.27 18.73 -0.97
C PHE A 187 0.75 18.47 -2.39
N ASN A 188 1.80 19.16 -2.81
CA ASN A 188 2.40 18.89 -4.11
C ASN A 188 3.43 17.76 -4.05
N LYS A 189 3.59 17.16 -2.87
CA LYS A 189 4.50 16.02 -2.71
C LYS A 189 3.80 14.83 -2.09
N LEU A 190 2.67 14.47 -2.70
CA LEU A 190 1.88 13.31 -2.30
C LEU A 190 2.43 11.99 -2.87
N TYR A 191 2.82 11.09 -1.98
CA TYR A 191 3.27 9.76 -2.36
C TYR A 191 2.27 8.71 -1.87
N VAL A 192 2.07 7.69 -2.69
CA VAL A 192 1.13 6.63 -2.37
C VAL A 192 1.88 5.30 -2.48
N GLY A 193 1.64 4.38 -1.55
CA GLY A 193 2.34 3.11 -1.60
C GLY A 193 1.93 2.07 -0.56
N GLY A 194 2.66 0.96 -0.52
CA GLY A 194 2.37 -0.08 0.45
C GLY A 194 3.18 -1.35 0.26
N GLU A 195 2.77 -2.38 1.00
CA GLU A 195 3.39 -3.70 0.99
C GLU A 195 2.42 -4.71 0.39
N THR A 196 2.96 -5.62 -0.41
CA THR A 196 2.20 -6.73 -0.99
C THR A 196 0.81 -6.31 -1.48
N SER A 197 -0.26 -6.83 -0.88
CA SER A 197 -1.60 -6.43 -1.35
C SER A 197 -1.88 -4.93 -1.19
N GLY A 198 -1.32 -4.32 -0.13
CA GLY A 198 -1.39 -2.87 0.01
C GLY A 198 -0.76 -2.21 -1.20
N ALA A 199 0.31 -2.80 -1.71
CA ALA A 199 0.99 -2.22 -2.86
C ALA A 199 0.17 -2.42 -4.15
N ASN A 200 -0.54 -3.54 -4.24
CA ASN A 200 -1.52 -3.76 -5.30
C ASN A 200 -2.60 -2.68 -5.22
N LEU A 201 -2.98 -2.32 -4.00
CA LEU A 201 -3.99 -1.30 -3.77
C LEU A 201 -3.51 0.04 -4.31
N ALA A 202 -2.31 0.45 -3.89
CA ALA A 202 -1.72 1.69 -4.40
C ALA A 202 -1.62 1.69 -5.93
N HIS A 203 -1.17 0.57 -6.50
CA HIS A 203 -1.03 0.47 -7.96
C HIS A 203 -2.35 0.81 -8.62
N ASN A 204 -3.41 0.19 -8.12
CA ASN A 204 -4.76 0.42 -8.64
C ASN A 204 -5.15 1.90 -8.53
N LEU A 205 -4.77 2.55 -7.43
CA LEU A 205 -5.06 3.97 -7.27
C LEU A 205 -4.34 4.82 -8.31
N LEU A 206 -3.10 4.46 -8.62
CA LEU A 206 -2.34 5.18 -9.64
C LEU A 206 -3.04 5.13 -11.00
N LEU A 207 -3.66 4.00 -11.32
CA LEU A 207 -4.40 3.87 -12.59
C LEU A 207 -5.63 4.73 -12.59
N ARG A 208 -6.35 4.74 -11.46
CA ARG A 208 -7.57 5.54 -11.34
C ARG A 208 -7.21 6.99 -11.58
N ALA A 209 -6.16 7.44 -10.89
CA ALA A 209 -5.67 8.81 -10.98
C ALA A 209 -5.25 9.24 -12.40
N GLY A 210 -4.70 8.31 -13.18
CA GLY A 210 -4.22 8.62 -14.52
C GLY A 210 -5.24 8.37 -15.60
N ASN A 211 -6.43 7.96 -15.18
CA ASN A 211 -7.58 7.84 -16.06
C ASN A 211 -8.21 9.24 -16.25
N GLY A 212 -8.47 9.61 -17.50
CA GLY A 212 -9.01 10.93 -17.80
C GLY A 212 -10.34 11.26 -17.15
N ASN A 213 -11.17 10.24 -16.95
CA ASN A 213 -12.50 10.42 -16.36
C ASN A 213 -12.46 10.64 -14.85
N GLN A 214 -11.30 10.39 -14.24
CA GLN A 214 -11.17 10.47 -12.79
C GLN A 214 -10.16 11.52 -12.38
N SER A 215 -10.53 12.36 -11.41
CA SER A 215 -9.59 13.34 -10.88
C SER A 215 -9.85 13.57 -9.39
N LEU A 216 -8.88 14.17 -8.72
CA LEU A 216 -9.01 14.43 -7.30
C LEU A 216 -9.52 15.86 -7.14
N PRO A 217 -10.13 16.19 -5.99
CA PRO A 217 -10.53 17.57 -5.70
C PRO A 217 -9.38 18.54 -6.02
N GLY A 218 -9.68 19.65 -6.69
CA GLY A 218 -8.65 20.62 -7.06
C GLY A 218 -7.71 20.14 -8.16
N ASP A 219 -8.04 18.97 -8.73
CA ASP A 219 -7.17 18.28 -9.69
C ASP A 219 -5.77 18.06 -9.16
N LEU A 220 -5.68 17.77 -7.86
CA LEU A 220 -4.41 17.44 -7.24
C LEU A 220 -3.81 16.19 -7.87
N LYS A 221 -2.50 16.25 -8.11
CA LYS A 221 -1.80 15.11 -8.69
C LYS A 221 -1.00 14.34 -7.64
N ILE A 222 -0.95 13.03 -7.80
CA ILE A 222 -0.03 12.18 -7.04
C ILE A 222 1.38 12.35 -7.59
N LEU A 223 2.33 12.75 -6.74
CA LEU A 223 3.70 12.90 -7.20
C LEU A 223 4.35 11.54 -7.47
N GLY A 224 4.22 10.60 -6.53
CA GLY A 224 4.99 9.37 -6.63
C GLY A 224 4.34 8.12 -6.08
N GLY A 225 4.80 6.97 -6.59
CA GLY A 225 4.31 5.69 -6.10
C GLY A 225 5.44 4.81 -5.59
N LEU A 226 5.17 4.09 -4.51
CA LEU A 226 6.16 3.21 -3.88
C LEU A 226 5.56 1.84 -3.59
N LEU A 227 5.89 0.85 -4.41
CA LEU A 227 5.28 -0.48 -4.31
C LEU A 227 6.29 -1.51 -3.82
N CYS A 228 6.18 -1.90 -2.56
CA CYS A 228 7.14 -2.86 -2.01
C CYS A 228 6.63 -4.28 -2.14
N CYS A 229 7.28 -5.04 -3.01
CA CYS A 229 6.90 -6.43 -3.26
C CYS A 229 5.41 -6.54 -3.59
N PRO A 230 4.93 -5.80 -4.60
CA PRO A 230 3.47 -5.74 -4.80
C PRO A 230 2.86 -7.10 -5.15
N PHE A 231 1.66 -7.34 -4.62
CA PHE A 231 0.95 -8.59 -4.89
C PHE A 231 0.38 -8.56 -6.30
N PHE A 232 1.08 -9.24 -7.22
CA PHE A 232 0.58 -9.51 -8.57
C PHE A 232 0.67 -11.01 -8.87
N TRP A 233 -0.26 -11.52 -9.67
CA TRP A 233 -0.26 -12.93 -10.01
C TRP A 233 -0.79 -13.19 -11.43
N GLY A 234 -0.99 -14.46 -11.79
CA GLY A 234 -1.46 -14.82 -13.12
C GLY A 234 -1.71 -16.31 -13.25
N SER A 235 -2.50 -16.70 -14.24
CA SER A 235 -2.87 -18.11 -14.42
C SER A 235 -1.71 -18.97 -14.92
N LYS A 236 -0.79 -18.35 -15.65
CA LYS A 236 0.39 -19.08 -16.12
C LYS A 236 1.60 -18.80 -15.26
N PRO A 237 2.22 -19.87 -14.73
CA PRO A 237 3.48 -19.76 -13.99
C PRO A 237 4.59 -19.18 -14.86
N ILE A 238 5.42 -18.31 -14.29
CA ILE A 238 6.50 -17.63 -15.01
C ILE A 238 7.79 -17.64 -14.17
N GLY A 239 8.91 -17.35 -14.81
CA GLY A 239 10.19 -17.25 -14.12
C GLY A 239 10.49 -18.45 -13.26
N SER A 240 10.84 -18.20 -11.99
CA SER A 240 11.16 -19.28 -11.05
C SER A 240 9.95 -19.80 -10.28
N GLU A 241 8.74 -19.37 -10.65
CA GLU A 241 7.53 -19.90 -10.03
C GLU A 241 7.41 -21.39 -10.34
N PRO A 242 7.16 -22.20 -9.30
CA PRO A 242 6.99 -23.65 -9.48
C PRO A 242 5.80 -23.95 -10.38
N VAL A 243 6.01 -24.75 -11.42
CA VAL A 243 5.00 -24.94 -12.45
C VAL A 243 3.86 -25.89 -12.05
N ASP A 244 4.22 -27.06 -11.54
CA ASP A 244 3.23 -28.09 -11.21
C ASP A 244 2.27 -27.68 -10.09
N GLU A 245 2.79 -26.91 -9.13
CA GLU A 245 2.00 -26.53 -7.97
C GLU A 245 1.22 -25.22 -8.19
N HIS A 246 1.39 -24.62 -9.36
CA HIS A 246 0.89 -23.26 -9.59
C HIS A 246 -0.60 -23.08 -9.30
N GLU A 247 -1.43 -23.94 -9.90
CA GLU A 247 -2.88 -23.79 -9.78
C GLU A 247 -3.36 -23.93 -8.32
N GLN A 248 -2.49 -24.40 -7.43
CA GLN A 248 -2.81 -24.53 -6.02
C GLN A 248 -2.12 -23.49 -5.16
N SER A 249 -1.56 -22.46 -5.80
CA SER A 249 -0.84 -21.42 -5.04
C SER A 249 -1.73 -20.68 -4.05
N LEU A 250 -1.12 -20.14 -3.00
CA LEU A 250 -1.86 -19.42 -1.97
C LEU A 250 -2.33 -18.11 -2.59
N ALA A 251 -1.51 -17.56 -3.48
CA ALA A 251 -1.91 -16.36 -4.23
C ALA A 251 -3.27 -16.53 -4.93
N MET A 252 -3.52 -17.71 -5.50
CA MET A 252 -4.80 -17.92 -6.16
C MET A 252 -5.97 -18.05 -5.19
N LYS A 253 -5.74 -18.67 -4.03
CA LYS A 253 -6.80 -18.77 -3.03
C LYS A 253 -7.10 -17.38 -2.45
N VAL A 254 -6.05 -16.59 -2.25
CA VAL A 254 -6.22 -15.25 -1.73
C VAL A 254 -7.07 -14.41 -2.67
N TRP A 255 -6.79 -14.51 -3.97
CA TRP A 255 -7.50 -13.70 -4.94
C TRP A 255 -8.95 -14.14 -5.07
N ASN A 256 -9.16 -15.45 -5.04
CA ASN A 256 -10.51 -15.98 -5.10
C ASN A 256 -11.36 -15.55 -3.91
N LEU A 257 -10.74 -15.38 -2.74
CA LEU A 257 -11.43 -14.84 -1.57
C LEU A 257 -11.70 -13.35 -1.79
N ALA A 258 -10.68 -12.62 -2.24
CA ALA A 258 -10.77 -11.16 -2.36
C ALA A 258 -11.76 -10.72 -3.45
N CYS A 259 -11.84 -11.47 -4.54
CA CYS A 259 -12.68 -11.07 -5.67
C CYS A 259 -13.13 -12.25 -6.52
N PRO A 260 -13.99 -13.11 -5.95
CA PRO A 260 -14.46 -14.31 -6.63
C PRO A 260 -15.22 -14.02 -7.94
N ASP A 261 -15.88 -12.86 -8.01
CA ASP A 261 -16.66 -12.50 -9.20
C ASP A 261 -15.82 -11.78 -10.25
N ALA A 262 -14.51 -11.68 -10.00
CA ALA A 262 -13.60 -11.03 -10.96
C ALA A 262 -13.69 -11.68 -12.34
N PRO A 263 -14.00 -10.87 -13.36
CA PRO A 263 -14.01 -11.47 -14.71
C PRO A 263 -12.58 -11.85 -15.08
N GLY A 264 -12.40 -13.05 -15.64
CA GLY A 264 -11.05 -13.53 -15.93
C GLY A 264 -10.33 -14.15 -14.75
N GLY A 265 -10.91 -14.06 -13.55
CA GLY A 265 -10.30 -14.67 -12.38
C GLY A 265 -8.92 -14.13 -12.05
N ILE A 266 -7.95 -15.04 -11.94
CA ILE A 266 -6.58 -14.68 -11.54
C ILE A 266 -5.86 -13.89 -12.63
N ASP A 267 -6.51 -13.78 -13.79
CA ASP A 267 -5.99 -12.92 -14.86
C ASP A 267 -6.73 -11.57 -14.99
N ASN A 268 -7.62 -11.29 -14.05
CA ASN A 268 -8.23 -9.97 -13.99
C ASN A 268 -7.13 -8.91 -13.84
N PRO A 269 -7.22 -7.83 -14.62
CA PRO A 269 -6.20 -6.77 -14.61
C PRO A 269 -5.88 -6.20 -13.21
N TRP A 270 -6.82 -6.30 -12.26
CA TRP A 270 -6.59 -5.85 -10.88
C TRP A 270 -5.48 -6.65 -10.22
N ILE A 271 -5.34 -7.93 -10.58
CA ILE A 271 -4.34 -8.81 -9.98
C ILE A 271 -3.20 -9.11 -10.98
N ASN A 272 -3.51 -9.03 -12.28
CA ASN A 272 -2.51 -9.20 -13.32
C ASN A 272 -2.46 -7.99 -14.26
N PRO A 273 -1.62 -7.00 -13.91
CA PRO A 273 -1.58 -5.74 -14.65
C PRO A 273 -0.78 -5.85 -15.95
N CYS A 274 -0.11 -6.97 -16.16
CA CYS A 274 0.68 -7.19 -17.37
C CYS A 274 -0.07 -8.09 -18.36
N VAL A 275 -1.37 -8.27 -18.11
CA VAL A 275 -2.15 -9.18 -18.95
C VAL A 275 -2.69 -8.46 -20.18
N ALA A 276 -2.95 -9.22 -21.24
CA ALA A 276 -3.51 -8.66 -22.47
C ALA A 276 -4.88 -8.04 -22.19
N GLY A 277 -5.14 -6.88 -22.76
CA GLY A 277 -6.42 -6.22 -22.56
C GLY A 277 -6.51 -5.41 -21.28
N ALA A 278 -5.48 -5.47 -20.43
CA ALA A 278 -5.44 -4.63 -19.25
C ALA A 278 -5.10 -3.20 -19.65
N PRO A 279 -5.53 -2.21 -18.84
CA PRO A 279 -5.17 -0.81 -19.09
C PRO A 279 -3.66 -0.64 -19.25
N SER A 280 -3.24 0.29 -20.10
CA SER A 280 -1.80 0.52 -20.31
C SER A 280 -1.13 1.13 -19.09
N LEU A 281 0.03 0.58 -18.73
CA LEU A 281 0.79 1.09 -17.61
C LEU A 281 1.39 2.49 -17.90
N ALA A 282 1.18 3.00 -19.12
CA ALA A 282 1.59 4.36 -19.48
C ALA A 282 0.62 5.42 -18.94
N THR A 283 -0.49 4.98 -18.35
CA THR A 283 -1.47 5.88 -17.75
C THR A 283 -1.37 5.92 -16.23
N LEU A 284 -0.27 5.43 -15.68
CA LEU A 284 -0.06 5.50 -14.24
C LEU A 284 -0.03 6.97 -13.82
N GLY A 285 -0.93 7.33 -12.90
CA GLY A 285 -1.13 8.73 -12.55
C GLY A 285 -0.13 9.34 -11.59
N CYS A 286 1.15 9.06 -11.79
CA CYS A 286 2.21 9.70 -10.98
C CYS A 286 3.39 10.07 -11.87
N SER A 287 4.40 10.70 -11.28
CA SER A 287 5.56 11.17 -12.03
C SER A 287 6.81 10.37 -11.66
N LYS A 288 6.76 9.69 -10.52
CA LYS A 288 7.88 8.88 -10.08
C LYS A 288 7.40 7.59 -9.43
N LEU A 289 8.14 6.51 -9.67
CA LEU A 289 7.67 5.19 -9.29
C LEU A 289 8.84 4.30 -8.91
N LEU A 290 8.82 3.81 -7.67
CA LEU A 290 9.83 2.88 -7.20
C LEU A 290 9.18 1.53 -6.89
N VAL A 291 9.68 0.47 -7.54
CA VAL A 291 9.27 -0.90 -7.21
C VAL A 291 10.41 -1.57 -6.43
N THR A 292 10.10 -2.11 -5.25
CA THR A 292 11.14 -2.85 -4.50
C THR A 292 10.83 -4.34 -4.46
N ILE A 293 11.88 -5.15 -4.55
CA ILE A 293 11.74 -6.61 -4.54
C ILE A 293 12.69 -7.24 -3.52
N THR A 294 12.46 -8.51 -3.21
CA THR A 294 13.39 -9.29 -2.39
C THR A 294 13.64 -10.62 -3.07
N GLY A 295 14.73 -11.29 -2.71
CA GLY A 295 15.10 -12.54 -3.37
C GLY A 295 14.16 -13.71 -3.09
N ARG A 296 13.55 -13.72 -1.90
CA ARG A 296 12.76 -14.88 -1.46
C ARG A 296 11.27 -14.67 -1.57
N ASP A 297 10.86 -13.45 -1.92
CA ASP A 297 9.45 -13.15 -2.10
C ASP A 297 8.86 -13.95 -3.26
N GLU A 298 7.67 -14.50 -3.03
CA GLU A 298 6.93 -15.26 -4.05
C GLU A 298 6.63 -14.45 -5.30
N PHE A 299 6.51 -13.13 -5.17
CA PHE A 299 6.09 -12.25 -6.26
C PHE A 299 7.23 -11.56 -6.99
N ARG A 300 8.46 -11.99 -6.72
CA ARG A 300 9.64 -11.36 -7.29
C ARG A 300 9.56 -11.22 -8.81
N ASP A 301 9.23 -12.32 -9.49
CA ASP A 301 9.19 -12.31 -10.94
C ASP A 301 8.02 -11.45 -11.46
N ARG A 302 6.87 -11.55 -10.79
CA ARG A 302 5.72 -10.72 -11.13
C ARG A 302 6.08 -9.24 -11.02
N ASP A 303 6.76 -8.87 -9.94
CA ASP A 303 7.22 -7.51 -9.72
C ASP A 303 8.20 -7.04 -10.79
N ILE A 304 9.16 -7.90 -11.11
CA ILE A 304 10.14 -7.65 -12.15
C ILE A 304 9.44 -7.47 -13.51
N LEU A 305 8.48 -8.35 -13.80
CA LEU A 305 7.70 -8.23 -15.03
C LEU A 305 6.90 -6.91 -15.05
N TYR A 306 6.27 -6.57 -13.93
CA TYR A 306 5.55 -5.31 -13.78
C TYR A 306 6.45 -4.12 -14.13
N HIS A 307 7.61 -4.03 -13.47
CA HIS A 307 8.57 -2.96 -13.73
C HIS A 307 8.96 -2.87 -15.22
N ASP A 308 9.41 -3.99 -15.79
CA ASP A 308 9.83 -3.99 -17.18
C ASP A 308 8.70 -3.54 -18.10
N THR A 309 7.49 -4.02 -17.82
CA THR A 309 6.30 -3.62 -18.56
C THR A 309 6.04 -2.11 -18.45
N VAL A 310 6.18 -1.55 -17.25
CA VAL A 310 6.09 -0.10 -17.10
C VAL A 310 7.15 0.60 -17.96
N LYS A 311 8.36 0.05 -18.00
CA LYS A 311 9.46 0.69 -18.72
C LYS A 311 9.20 0.70 -20.22
N LYS A 312 8.91 -0.47 -20.78
CA LYS A 312 8.54 -0.56 -22.19
C LYS A 312 7.02 -0.40 -22.35
N SER A 313 6.52 0.77 -21.97
CA SER A 313 5.11 1.10 -22.10
C SER A 313 4.99 2.53 -22.55
N GLY A 314 6.09 3.27 -22.45
CA GLY A 314 6.12 4.67 -22.82
C GLY A 314 5.71 5.58 -21.68
N TRP A 315 5.61 5.04 -20.47
CA TRP A 315 5.35 5.86 -19.30
C TRP A 315 6.48 6.86 -19.19
N GLU A 316 6.13 8.14 -19.13
CA GLU A 316 7.12 9.20 -19.26
C GLU A 316 7.82 9.53 -17.95
N GLY A 317 7.30 9.01 -16.84
CA GLY A 317 7.83 9.34 -15.54
C GLY A 317 9.19 8.74 -15.21
N GLN A 318 9.65 9.01 -13.98
CA GLN A 318 10.90 8.44 -13.46
C GLN A 318 10.66 7.06 -12.84
N LEU A 319 11.26 6.05 -13.45
CA LEU A 319 11.05 4.66 -13.02
C LEU A 319 12.28 4.06 -12.35
N GLU A 320 12.08 3.50 -11.16
CA GLU A 320 13.19 2.91 -10.42
C GLU A 320 12.90 1.53 -9.86
N LEU A 321 13.95 0.71 -9.81
CA LEU A 321 13.86 -0.63 -9.21
C LEU A 321 14.94 -0.81 -8.13
N PHE A 322 14.56 -1.49 -7.05
CA PHE A 322 15.47 -1.74 -5.93
C PHE A 322 15.34 -3.17 -5.39
N ASP A 323 16.44 -3.92 -5.43
CA ASP A 323 16.52 -5.29 -4.91
C ASP A 323 17.09 -5.25 -3.49
N ALA A 324 16.21 -5.45 -2.52
CA ALA A 324 16.54 -5.24 -1.11
C ALA A 324 17.42 -6.35 -0.51
N GLY A 325 17.58 -7.46 -1.22
CA GLY A 325 18.47 -8.54 -0.77
C GLY A 325 17.80 -9.87 -0.48
N ASP A 326 18.58 -10.82 0.05
CA ASP A 326 18.08 -12.17 0.31
C ASP A 326 17.11 -12.20 1.50
N GLU A 327 15.92 -11.65 1.30
CA GLU A 327 14.93 -11.51 2.36
C GLU A 327 13.53 -11.96 1.91
N GLU A 328 12.62 -12.14 2.88
CA GLU A 328 11.20 -12.34 2.59
C GLU A 328 10.55 -10.99 2.35
N HIS A 329 9.34 -10.98 1.79
CA HIS A 329 8.63 -9.70 1.65
C HIS A 329 8.30 -9.14 3.04
N ALA A 330 8.31 -7.82 3.15
CA ALA A 330 8.02 -7.11 4.42
C ALA A 330 9.03 -7.34 5.54
N PHE A 331 10.19 -7.90 5.19
CA PHE A 331 11.25 -8.20 6.15
C PHE A 331 11.66 -6.99 6.98
N GLN A 332 11.62 -5.81 6.37
CA GLN A 332 12.11 -4.62 7.06
C GLN A 332 11.16 -4.22 8.20
N LEU A 333 9.89 -4.61 8.12
CA LEU A 333 8.96 -4.35 9.22
C LEU A 333 9.24 -5.26 10.42
N PHE A 334 9.69 -6.48 10.14
CA PHE A 334 9.90 -7.47 11.21
C PHE A 334 11.25 -7.30 11.92
N LYS A 335 12.25 -6.88 11.16
CA LYS A 335 13.62 -6.75 11.67
C LYS A 335 14.28 -5.49 11.12
N PRO A 336 13.83 -4.32 11.59
CA PRO A 336 14.35 -3.04 11.07
C PRO A 336 15.75 -2.72 11.57
N GLU A 337 16.32 -3.61 12.39
CA GLU A 337 17.65 -3.38 12.96
C GLU A 337 18.78 -3.88 12.05
N THR A 338 18.47 -4.77 11.11
CA THR A 338 19.51 -5.36 10.26
C THR A 338 20.10 -4.34 9.28
N ASP A 339 21.33 -4.62 8.82
CA ASP A 339 21.96 -3.81 7.79
C ASP A 339 21.10 -3.76 6.54
N THR A 340 20.53 -4.91 6.18
CA THR A 340 19.66 -5.00 5.02
C THR A 340 18.43 -4.10 5.20
N ALA A 341 17.82 -4.15 6.36
CA ALA A 341 16.65 -3.29 6.63
C ALA A 341 17.03 -1.81 6.62
N LYS A 342 18.11 -1.46 7.32
CA LYS A 342 18.55 -0.08 7.35
C LYS A 342 18.87 0.47 5.96
N ALA A 343 19.50 -0.34 5.11
CA ALA A 343 19.77 0.09 3.73
C ALA A 343 18.47 0.32 2.93
N MET A 344 17.42 -0.45 3.21
CA MET A 344 16.17 -0.27 2.48
C MET A 344 15.51 1.04 2.88
N ILE A 345 15.46 1.29 4.18
CA ILE A 345 14.92 2.55 4.71
C ILE A 345 15.65 3.77 4.16
N LYS A 346 16.97 3.69 4.10
CA LYS A 346 17.73 4.79 3.52
C LYS A 346 17.36 5.01 2.05
N ARG A 347 17.23 3.91 1.29
CA ARG A 347 16.77 3.97 -0.10
C ARG A 347 15.43 4.69 -0.22
N LEU A 348 14.48 4.25 0.60
CA LEU A 348 13.14 4.82 0.60
C LEU A 348 13.16 6.31 0.95
N ALA A 349 13.95 6.67 1.96
CA ALA A 349 14.10 8.07 2.35
C ALA A 349 14.57 8.93 1.18
N SER A 350 15.47 8.40 0.36
CA SER A 350 15.97 9.15 -0.80
C SER A 350 14.90 9.26 -1.90
N PHE A 351 13.91 8.37 -1.89
CA PHE A 351 12.81 8.44 -2.85
C PHE A 351 11.67 9.35 -2.38
N LEU A 352 11.27 9.19 -1.12
CA LEU A 352 10.20 10.00 -0.52
C LEU A 352 10.66 11.44 -0.21
N VAL A 353 10.80 12.27 -1.24
CA VAL A 353 11.29 13.63 -1.06
C VAL A 353 10.41 14.70 -1.72
C1 NPO B . 0.00 -11.28 0.75
C2 NPO B . -0.65 -11.53 -0.44
C3 NPO B . -0.65 -12.82 -0.97
C4 NPO B . 0.01 -13.83 -0.31
C5 NPO B . 0.67 -13.58 0.88
C6 NPO B . 0.68 -12.31 1.42
OH NPO B . 0.02 -15.11 -0.82
N1 NPO B . 0.04 -9.98 1.33
O2 NPO B . -0.68 -9.01 0.87
O3 NPO B . 0.77 -9.77 2.28
#